data_9J6I
#
_entry.id   9J6I
#
_cell.length_a   126.990
_cell.length_b   126.990
_cell.length_c   60.195
_cell.angle_alpha   90.000
_cell.angle_beta   90.000
_cell.angle_gamma   120.000
#
_symmetry.space_group_name_H-M   'P 65'
#
loop_
_entity.id
_entity.type
_entity.pdbx_description
1 polymer 'Abscisic acid receptor PYL1'
2 non-polymer 5-bromanyl-N2-[(4-bromophenyl)-bis(oxidanyl)-$l^4-sulfanyl]-N1,N1,N3,N3-tetrakis(oxidanyl)benzene-1,2,3-triamine
3 water water
#
_entity_poly.entity_id   1
_entity_poly.type   'polypeptide(L)'
_entity_poly.pdbx_seq_one_letter_code
;EFTQLSQSIAEFHTYQLGNGRCSSLLAQRIHAPPETVWSVVRRFDRPQIYKHFIKSCNVSEDFEMRVGCTRDVNVISGLP
ANTSRERLDLLDDDRRVTGFSITGGEHRLRNYKSVTTVHRFEKEEEEERIWTVVLESYVVDVPEGNSEEDTRLFADTVIR
LNLQKLASITEAMNR
;
_entity_poly.pdbx_strand_id   A,B
#
loop_
_chem_comp.id
_chem_comp.type
_chem_comp.name
_chem_comp.formula
H9X non-polymer 5-bromanyl-N2-[(4-bromophenyl)-bis(oxidanyl)-$l^4-sulfanyl]-N1,N1,N3,N3-tetrakis(oxidanyl)benzene-1,2,3-triamine 'C12 H13 Br2 N3 O6 S'
#
# COMPACT_ATOMS: atom_id res chain seq x y z
N PHE A 2 11.09 27.28 -5.78
CA PHE A 2 10.14 28.29 -6.20
C PHE A 2 9.50 28.95 -4.99
N THR A 3 9.23 30.24 -5.09
CA THR A 3 8.71 30.94 -3.93
C THR A 3 7.28 30.50 -3.60
N GLN A 4 6.45 30.31 -4.64
CA GLN A 4 5.07 29.86 -4.37
C GLN A 4 5.06 28.56 -3.57
N LEU A 5 5.98 27.67 -3.87
CA LEU A 5 6.12 26.41 -3.15
C LEU A 5 6.42 26.65 -1.68
N SER A 6 7.47 27.43 -1.40
CA SER A 6 7.90 27.73 -0.04
C SER A 6 6.83 28.48 0.76
N GLN A 7 6.07 29.35 0.09
CA GLN A 7 4.98 30.05 0.76
C GLN A 7 3.87 29.08 1.14
N SER A 8 3.53 28.16 0.23
CA SER A 8 2.55 27.14 0.56
C SER A 8 3.01 26.27 1.72
N ILE A 9 4.29 25.90 1.74
CA ILE A 9 4.79 25.07 2.82
C ILE A 9 4.68 25.80 4.15
N ALA A 10 5.05 27.10 4.16
CA ALA A 10 5.00 27.87 5.40
C ALA A 10 3.56 28.07 5.89
N GLU A 11 2.62 28.26 4.97
CA GLU A 11 1.23 28.43 5.41
C GLU A 11 0.53 27.11 5.77
N PHE A 12 0.72 26.04 4.99
CA PHE A 12 -0.11 24.84 5.11
C PHE A 12 0.61 23.57 5.53
N HIS A 13 1.93 23.54 5.56
CA HIS A 13 2.66 22.28 5.74
C HIS A 13 3.69 22.38 6.85
N THR A 14 3.60 23.40 7.67
CA THR A 14 4.49 23.55 8.81
C THR A 14 3.66 23.34 10.08
N TYR A 15 4.30 22.81 11.11
CA TYR A 15 3.53 22.34 12.23
C TYR A 15 4.26 22.62 13.53
N GLN A 16 3.46 22.71 14.58
CA GLN A 16 3.89 22.76 15.97
C GLN A 16 4.20 21.36 16.50
N LEU A 17 5.25 21.27 17.32
CA LEU A 17 5.68 20.00 17.90
C LEU A 17 5.08 19.81 19.28
N GLY A 18 3.74 19.81 19.32
CA GLY A 18 3.04 19.47 20.54
C GLY A 18 3.30 18.04 20.98
N ASN A 19 3.18 17.81 22.29
CA ASN A 19 3.46 16.49 22.84
C ASN A 19 2.36 15.51 22.46
N GLY A 20 2.76 14.25 22.24
CA GLY A 20 1.86 13.23 21.73
C GLY A 20 1.34 13.48 20.33
N ARG A 21 1.97 14.37 19.57
CA ARG A 21 1.59 14.65 18.20
C ARG A 21 2.77 14.32 17.29
N CYS A 22 2.49 14.14 16.00
CA CYS A 22 3.56 13.95 15.04
C CYS A 22 3.02 14.38 13.70
N SER A 23 3.93 14.74 12.80
CA SER A 23 3.52 15.28 11.51
C SER A 23 4.56 14.93 10.46
N SER A 24 4.13 15.01 9.20
CA SER A 24 5.09 14.82 8.13
C SER A 24 4.56 15.46 6.86
N LEU A 25 5.48 15.64 5.91
CA LEU A 25 5.19 16.25 4.62
C LEU A 25 5.78 15.39 3.52
N LEU A 26 4.98 15.10 2.50
CA LEU A 26 5.40 14.30 1.37
C LEU A 26 5.10 15.05 0.08
N ALA A 27 5.87 14.73 -0.96
CA ALA A 27 5.83 15.41 -2.25
C ALA A 27 5.85 14.39 -3.38
N GLN A 28 5.09 14.67 -4.42
CA GLN A 28 4.99 13.77 -5.58
C GLN A 28 5.01 14.59 -6.87
N ARG A 29 6.05 14.42 -7.67
CA ARG A 29 6.03 14.96 -9.02
C ARG A 29 5.12 14.12 -9.90
N ILE A 30 4.35 14.79 -10.75
CA ILE A 30 3.39 14.15 -11.63
C ILE A 30 3.53 14.77 -13.03
N HIS A 31 3.63 13.92 -14.05
CA HIS A 31 3.79 14.39 -15.42
C HIS A 31 2.41 14.60 -16.06
N ALA A 32 1.73 15.62 -15.56
CA ALA A 32 0.36 15.93 -15.93
C ALA A 32 0.07 17.36 -15.52
N PRO A 33 -0.86 18.04 -16.19
CA PRO A 33 -1.11 19.45 -15.88
C PRO A 33 -1.70 19.61 -14.50
N PRO A 34 -1.39 20.71 -13.80
CA PRO A 34 -1.94 20.92 -12.46
C PRO A 34 -3.46 20.94 -12.42
N GLU A 35 -4.12 21.42 -13.47
CA GLU A 35 -5.58 21.40 -13.50
C GLU A 35 -6.14 19.99 -13.44
N THR A 36 -5.53 19.04 -14.14
CA THR A 36 -6.05 17.67 -14.11
C THR A 36 -5.86 17.05 -12.72
N VAL A 37 -4.64 17.17 -12.18
CA VAL A 37 -4.36 16.65 -10.85
C VAL A 37 -5.30 17.26 -9.83
N TRP A 38 -5.53 18.56 -9.91
CA TRP A 38 -6.41 19.24 -8.97
C TRP A 38 -7.86 18.79 -9.15
N SER A 39 -8.28 18.60 -10.40
CA SER A 39 -9.66 18.16 -10.65
C SER A 39 -9.92 16.81 -9.98
N VAL A 40 -8.88 15.99 -9.82
CA VAL A 40 -9.02 14.75 -9.07
C VAL A 40 -8.95 15.01 -7.56
N VAL A 41 -7.91 15.71 -7.13
CA VAL A 41 -7.65 15.95 -5.71
C VAL A 41 -8.82 16.62 -5.01
N ARG A 42 -9.55 17.49 -5.71
CA ARG A 42 -10.55 18.33 -5.05
C ARG A 42 -11.86 17.61 -4.75
N ARG A 43 -12.08 16.39 -5.24
CA ARG A 43 -13.42 15.79 -5.13
C ARG A 43 -13.51 15.00 -3.84
N PHE A 44 -14.00 15.69 -2.80
CA PHE A 44 -14.01 15.16 -1.44
C PHE A 44 -14.82 13.88 -1.33
N ASP A 45 -15.88 13.73 -2.14
CA ASP A 45 -16.74 12.57 -2.11
C ASP A 45 -16.16 11.34 -2.81
N ARG A 46 -15.06 11.46 -3.53
CA ARG A 46 -14.51 10.33 -4.27
C ARG A 46 -13.02 10.17 -4.03
N PRO A 47 -12.60 10.01 -2.77
CA PRO A 47 -11.18 9.74 -2.54
C PRO A 47 -10.72 8.37 -3.06
N GLN A 48 -11.65 7.43 -3.31
CA GLN A 48 -11.24 6.11 -3.80
C GLN A 48 -10.61 6.17 -5.19
N ILE A 49 -10.88 7.24 -5.95
CA ILE A 49 -10.27 7.43 -7.27
C ILE A 49 -8.75 7.42 -7.20
N TYR A 50 -8.15 7.84 -6.09
CA TYR A 50 -6.70 7.87 -6.07
C TYR A 50 -6.10 7.35 -4.77
N LYS A 51 -6.90 6.86 -3.85
CA LYS A 51 -6.40 6.28 -2.63
C LYS A 51 -6.56 4.76 -2.69
N HIS A 52 -5.68 4.06 -1.96
CA HIS A 52 -5.74 2.62 -1.87
C HIS A 52 -6.56 2.20 -0.65
N PHE A 53 -7.01 0.95 -0.65
CA PHE A 53 -7.61 0.30 0.51
C PHE A 53 -8.96 0.85 0.87
N ILE A 54 -9.68 1.45 -0.07
CA ILE A 54 -10.99 2.00 0.21
C ILE A 54 -12.01 1.07 -0.41
N LYS A 55 -12.72 0.34 0.45
CA LYS A 55 -13.83 -0.47 0.00
C LYS A 55 -14.94 0.40 -0.58
N SER A 56 -15.23 1.54 0.06
CA SER A 56 -16.26 2.44 -0.42
C SER A 56 -16.23 3.73 0.40
N CYS A 57 -16.90 4.75 -0.12
CA CYS A 57 -16.98 6.05 0.51
C CYS A 57 -18.39 6.55 0.32
N ASN A 58 -19.07 6.90 1.42
CA ASN A 58 -20.45 7.34 1.31
C ASN A 58 -20.58 8.77 1.81
N VAL A 59 -21.40 9.54 1.10
CA VAL A 59 -21.74 10.91 1.46
C VAL A 59 -23.26 11.00 1.53
N SER A 60 -23.76 12.04 2.21
CA SER A 60 -25.19 12.16 2.39
C SER A 60 -25.91 12.30 1.05
N GLU A 61 -27.18 11.93 1.05
CA GLU A 61 -28.01 12.00 -0.15
C GLU A 61 -28.08 13.41 -0.71
N ASP A 62 -27.89 14.42 0.14
CA ASP A 62 -27.98 15.81 -0.29
C ASP A 62 -26.61 16.46 -0.33
N PHE A 63 -25.56 15.66 -0.55
CA PHE A 63 -24.21 16.13 -0.38
C PHE A 63 -23.91 17.31 -1.30
N GLU A 64 -23.28 18.32 -0.72
CA GLU A 64 -22.70 19.42 -1.46
C GLU A 64 -21.38 19.73 -0.79
N MET A 65 -20.36 19.99 -1.59
CA MET A 65 -19.03 20.16 -1.04
C MET A 65 -18.90 21.55 -0.44
N ARG A 66 -18.74 21.61 0.89
CA ARG A 66 -18.52 22.84 1.62
C ARG A 66 -17.72 22.50 2.86
N VAL A 67 -17.04 23.50 3.40
CA VAL A 67 -16.32 23.34 4.66
C VAL A 67 -17.27 22.82 5.73
N GLY A 68 -16.90 21.71 6.37
CA GLY A 68 -17.77 21.07 7.35
C GLY A 68 -18.56 19.89 6.82
N CYS A 69 -18.66 19.72 5.50
CA CYS A 69 -19.24 18.51 4.96
C CYS A 69 -18.38 17.30 5.30
N THR A 70 -19.00 16.12 5.33
CA THR A 70 -18.37 14.90 5.84
C THR A 70 -18.48 13.76 4.83
N ARG A 71 -17.71 12.69 5.11
CA ARG A 71 -17.78 11.45 4.34
C ARG A 71 -17.46 10.28 5.28
N ASP A 72 -18.00 9.11 4.94
CA ASP A 72 -17.68 7.85 5.59
C ASP A 72 -16.85 7.02 4.64
N VAL A 73 -15.62 6.71 5.05
CA VAL A 73 -14.69 6.00 4.19
C VAL A 73 -14.51 4.59 4.76
N ASN A 74 -15.06 3.59 4.07
CA ASN A 74 -14.91 2.20 4.54
C ASN A 74 -13.52 1.71 4.15
N VAL A 75 -12.68 1.44 5.14
CA VAL A 75 -11.26 1.17 4.98
C VAL A 75 -11.00 -0.29 5.29
N ILE A 76 -10.26 -0.96 4.40
CA ILE A 76 -9.95 -2.39 4.57
C ILE A 76 -8.44 -2.63 4.58
N SER A 77 -7.66 -1.63 4.98
CA SER A 77 -6.22 -1.80 5.16
C SER A 77 -5.87 -2.50 6.46
N GLY A 78 -6.87 -2.81 7.27
CA GLY A 78 -6.71 -3.75 8.36
C GLY A 78 -8.01 -4.50 8.42
N LEU A 79 -7.94 -5.74 8.87
CA LEU A 79 -9.00 -6.57 8.35
C LEU A 79 -10.34 -6.45 9.08
N PRO A 80 -10.40 -6.19 10.36
CA PRO A 80 -11.70 -5.78 10.89
C PRO A 80 -11.95 -4.40 10.28
N ALA A 81 -12.68 -4.36 9.15
CA ALA A 81 -12.83 -3.13 8.37
C ALA A 81 -13.35 -1.98 9.25
N ASN A 82 -12.90 -0.75 8.99
CA ASN A 82 -13.37 0.35 9.83
C ASN A 82 -13.95 1.46 8.97
N THR A 83 -14.77 2.30 9.56
CA THR A 83 -15.35 3.39 8.79
C THR A 83 -14.78 4.72 9.30
N SER A 84 -13.81 5.27 8.56
CA SER A 84 -13.21 6.57 8.87
C SER A 84 -14.22 7.69 8.62
N ARG A 85 -14.51 8.48 9.65
CA ARG A 85 -15.42 9.63 9.54
C ARG A 85 -14.59 10.88 9.29
N GLU A 86 -14.75 11.48 8.12
CA GLU A 86 -13.84 12.55 7.71
C GLU A 86 -14.62 13.81 7.39
N ARG A 87 -13.98 14.96 7.65
CA ARG A 87 -14.63 16.26 7.54
C ARG A 87 -13.76 17.17 6.69
N LEU A 88 -14.37 17.85 5.73
CA LEU A 88 -13.64 18.81 4.90
C LEU A 88 -13.35 20.09 5.69
N ASP A 89 -12.06 20.41 5.87
CA ASP A 89 -11.64 21.59 6.62
C ASP A 89 -11.42 22.81 5.75
N LEU A 90 -11.04 22.59 4.49
CA LEU A 90 -10.50 23.66 3.65
C LEU A 90 -10.69 23.31 2.18
N LEU A 91 -11.24 24.25 1.40
CA LEU A 91 -11.32 24.08 -0.06
C LEU A 91 -11.17 25.45 -0.73
N ASP A 92 -10.14 25.59 -1.57
CA ASP A 92 -9.88 26.82 -2.31
C ASP A 92 -9.43 26.39 -3.70
N ASP A 93 -10.36 26.50 -4.65
CA ASP A 93 -10.08 26.10 -6.03
C ASP A 93 -9.05 27.01 -6.68
N ASP A 94 -9.12 28.32 -6.44
CA ASP A 94 -8.18 29.23 -7.09
C ASP A 94 -6.75 28.98 -6.60
N ARG A 95 -6.57 28.63 -5.33
CA ARG A 95 -5.26 28.30 -4.81
C ARG A 95 -4.95 26.80 -4.86
N ARG A 96 -5.90 25.99 -5.31
CA ARG A 96 -5.73 24.53 -5.38
C ARG A 96 -5.20 23.98 -4.06
N VAL A 97 -5.95 24.25 -2.98
CA VAL A 97 -5.63 23.71 -1.66
C VAL A 97 -6.88 23.11 -1.03
N THR A 98 -6.74 21.91 -0.47
CA THR A 98 -7.85 21.28 0.23
C THR A 98 -7.33 20.57 1.46
N GLY A 99 -8.23 20.34 2.39
CA GLY A 99 -7.82 19.79 3.65
C GLY A 99 -8.98 19.12 4.34
N PHE A 100 -8.66 18.02 5.03
CA PHE A 100 -9.67 17.29 5.77
C PHE A 100 -9.12 16.80 7.09
N SER A 101 -10.06 16.39 7.95
CA SER A 101 -9.79 15.88 9.27
C SER A 101 -10.52 14.55 9.44
N ILE A 102 -9.93 13.68 10.24
CA ILE A 102 -10.57 12.45 10.65
C ILE A 102 -11.16 12.72 12.03
N THR A 103 -12.49 12.80 12.14
CA THR A 103 -13.05 13.06 13.47
C THR A 103 -13.20 11.79 14.29
N GLY A 104 -13.24 10.62 13.67
CA GLY A 104 -13.47 9.38 14.39
C GLY A 104 -13.46 8.20 13.45
N GLY A 105 -13.57 7.01 14.05
CA GLY A 105 -13.65 5.77 13.30
C GLY A 105 -12.34 5.17 12.83
N GLU A 106 -11.21 5.83 13.05
CA GLU A 106 -9.91 5.40 12.55
C GLU A 106 -8.94 5.40 13.73
N HIS A 107 -8.92 4.30 14.48
CA HIS A 107 -8.11 4.18 15.70
C HIS A 107 -6.61 4.39 15.46
N ARG A 108 -6.10 4.11 14.25
CA ARG A 108 -4.70 4.32 13.96
C ARG A 108 -4.34 5.78 13.68
N LEU A 109 -5.31 6.62 13.38
CA LEU A 109 -5.05 8.00 12.99
C LEU A 109 -5.99 8.94 13.75
N ARG A 110 -5.80 9.00 15.08
CA ARG A 110 -6.67 9.82 15.92
C ARG A 110 -6.32 11.29 15.76
N ASN A 111 -7.36 12.12 15.53
CA ASN A 111 -7.19 13.57 15.39
C ASN A 111 -6.19 13.87 14.30
N TYR A 112 -6.35 13.12 13.20
CA TYR A 112 -5.61 13.33 11.97
C TYR A 112 -6.14 14.57 11.26
N LYS A 113 -5.24 15.45 10.88
CA LYS A 113 -5.59 16.60 10.05
C LYS A 113 -4.57 16.66 8.92
N SER A 114 -5.04 16.86 7.69
CA SER A 114 -4.20 16.75 6.52
C SER A 114 -4.52 17.88 5.57
N VAL A 115 -3.49 18.37 4.86
CA VAL A 115 -3.63 19.38 3.82
C VAL A 115 -2.89 18.93 2.57
N THR A 116 -3.50 19.19 1.40
CA THR A 116 -2.93 18.87 0.10
C THR A 116 -2.92 20.12 -0.77
N THR A 117 -1.76 20.44 -1.36
CA THR A 117 -1.63 21.54 -2.30
C THR A 117 -1.03 21.05 -3.61
N VAL A 118 -1.44 21.70 -4.70
CA VAL A 118 -1.07 21.28 -6.05
C VAL A 118 -0.33 22.44 -6.72
N HIS A 119 0.86 22.16 -7.26
CA HIS A 119 1.72 23.23 -7.78
C HIS A 119 2.10 22.95 -9.23
N ARG A 120 2.12 24.03 -10.02
CA ARG A 120 2.51 24.01 -11.41
C ARG A 120 4.00 24.29 -11.52
N PHE A 121 4.70 23.49 -12.33
CA PHE A 121 6.10 23.72 -12.69
C PHE A 121 6.23 23.68 -14.21
N GLU A 122 7.12 24.50 -14.75
CA GLU A 122 7.26 24.67 -16.19
C GLU A 122 8.70 24.39 -16.63
N LYS A 123 8.84 23.95 -17.88
CA LYS A 123 10.15 23.66 -18.47
C LYS A 123 10.26 24.24 -19.89
N ARG A 129 5.18 21.01 -22.06
CA ARG A 129 5.67 20.29 -20.89
C ARG A 129 5.40 21.04 -19.60
N ILE A 130 4.17 20.95 -19.10
CA ILE A 130 3.75 21.57 -17.84
C ILE A 130 3.52 20.45 -16.84
N TRP A 131 4.35 20.39 -15.80
CA TRP A 131 4.30 19.32 -14.81
C TRP A 131 3.75 19.83 -13.48
N THR A 132 3.51 18.89 -12.55
CA THR A 132 2.85 19.18 -11.29
C THR A 132 3.67 18.60 -10.15
N VAL A 133 3.67 19.31 -9.03
CA VAL A 133 4.14 18.77 -7.77
C VAL A 133 3.00 18.84 -6.78
N VAL A 134 2.68 17.70 -6.18
CA VAL A 134 1.68 17.63 -5.13
C VAL A 134 2.41 17.56 -3.80
N LEU A 135 1.99 18.41 -2.85
CA LEU A 135 2.43 18.36 -1.47
C LEU A 135 1.28 17.86 -0.60
N GLU A 136 1.58 16.96 0.32
CA GLU A 136 0.58 16.44 1.25
C GLU A 136 1.20 16.35 2.63
N SER A 137 0.58 16.99 3.62
CA SER A 137 1.11 16.93 4.97
C SER A 137 -0.01 16.59 5.93
N TYR A 138 0.41 16.17 7.13
CA TYR A 138 -0.55 15.81 8.16
C TYR A 138 0.08 16.08 9.51
N VAL A 139 -0.80 16.26 10.50
CA VAL A 139 -0.50 16.16 11.92
C VAL A 139 -1.47 15.13 12.47
N VAL A 140 -1.02 14.34 13.45
CA VAL A 140 -1.85 13.29 14.01
C VAL A 140 -1.35 12.96 15.42
N ASP A 141 -2.25 12.44 16.26
CA ASP A 141 -1.85 11.94 17.57
C ASP A 141 -0.95 10.72 17.44
N VAL A 142 -0.02 10.58 18.39
CA VAL A 142 0.67 9.32 18.59
C VAL A 142 -0.13 8.56 19.66
N PRO A 143 -0.71 7.40 19.34
CA PRO A 143 -1.38 6.59 20.38
C PRO A 143 -0.45 6.34 21.54
N GLU A 144 -0.97 6.52 22.75
CA GLU A 144 -0.15 6.44 23.95
C GLU A 144 0.77 5.22 23.95
N GLY A 145 0.27 4.05 23.61
CA GLY A 145 1.25 2.98 23.57
C GLY A 145 2.24 3.01 22.38
N ASN A 146 2.05 3.89 21.42
CA ASN A 146 2.88 3.87 20.21
C ASN A 146 4.12 4.75 20.36
N SER A 147 5.15 4.40 19.60
CA SER A 147 6.21 5.36 19.38
C SER A 147 5.83 6.27 18.21
N GLU A 148 6.49 7.42 18.15
CA GLU A 148 6.22 8.35 17.06
C GLU A 148 6.55 7.73 15.69
N GLU A 149 7.68 7.03 15.60
CA GLU A 149 8.13 6.52 14.30
C GLU A 149 7.18 5.47 13.75
N ASP A 150 6.54 4.68 14.60
CA ASP A 150 5.54 3.74 14.11
C ASP A 150 4.39 4.46 13.42
N THR A 151 3.85 5.48 14.08
CA THR A 151 2.74 6.25 13.52
C THR A 151 3.16 6.93 12.22
N ARG A 152 4.29 7.62 12.22
CA ARG A 152 4.73 8.25 10.99
C ARG A 152 5.01 7.23 9.90
N LEU A 153 5.71 6.13 10.20
CA LEU A 153 5.94 5.11 9.19
C LEU A 153 4.62 4.70 8.54
N PHE A 154 3.59 4.45 9.35
CA PHE A 154 2.31 4.04 8.80
C PHE A 154 1.70 5.14 7.93
N ALA A 155 1.65 6.36 8.45
CA ALA A 155 1.00 7.44 7.71
C ALA A 155 1.78 7.80 6.45
N ASP A 156 3.10 7.83 6.55
CA ASP A 156 3.97 8.09 5.40
C ASP A 156 3.76 7.04 4.32
N THR A 157 3.83 5.76 4.68
CA THR A 157 3.68 4.67 3.71
C THR A 157 2.37 4.81 2.95
N VAL A 158 1.29 5.07 3.68
CA VAL A 158 -0.01 5.16 3.02
C VAL A 158 -0.05 6.37 2.09
N ILE A 159 0.37 7.56 2.57
CA ILE A 159 0.36 8.73 1.70
C ILE A 159 1.23 8.50 0.45
N ARG A 160 2.40 7.87 0.61
CA ARG A 160 3.31 7.67 -0.52
C ARG A 160 2.67 6.80 -1.59
N LEU A 161 2.04 5.70 -1.16
CA LEU A 161 1.34 4.84 -2.10
C LEU A 161 0.19 5.57 -2.77
N ASN A 162 -0.55 6.38 -2.00
CA ASN A 162 -1.69 7.08 -2.60
C ASN A 162 -1.22 8.13 -3.60
N LEU A 163 -0.14 8.84 -3.28
CA LEU A 163 0.39 9.83 -4.20
C LEU A 163 0.95 9.15 -5.46
N GLN A 164 1.53 7.96 -5.32
CA GLN A 164 1.94 7.23 -6.52
C GLN A 164 0.72 6.86 -7.37
N LYS A 165 -0.34 6.41 -6.74
CA LYS A 165 -1.54 6.09 -7.50
C LYS A 165 -2.11 7.33 -8.16
N LEU A 166 -2.06 8.47 -7.47
CA LEU A 166 -2.59 9.71 -8.04
C LEU A 166 -1.78 10.12 -9.27
N ALA A 167 -0.46 10.03 -9.17
CA ALA A 167 0.39 10.27 -10.33
C ALA A 167 -0.03 9.39 -11.49
N SER A 168 -0.14 8.08 -11.23
CA SER A 168 -0.47 7.12 -12.28
C SER A 168 -1.81 7.43 -12.94
N ILE A 169 -2.85 7.69 -12.14
CA ILE A 169 -4.18 7.90 -12.70
C ILE A 169 -4.26 9.24 -13.44
N THR A 170 -3.59 10.28 -12.94
CA THR A 170 -3.67 11.56 -13.65
C THR A 170 -2.81 11.56 -14.92
N GLU A 171 -1.70 10.83 -14.92
CA GLU A 171 -0.91 10.72 -16.14
C GLU A 171 -1.67 9.91 -17.19
N ALA A 172 -2.38 8.85 -16.77
CA ALA A 172 -3.22 8.13 -17.71
C ALA A 172 -4.31 9.03 -18.26
N MET A 173 -4.91 9.88 -17.42
CA MET A 173 -5.90 10.83 -17.91
C MET A 173 -5.30 11.74 -18.99
N ASN A 174 -4.18 12.37 -18.65
CA ASN A 174 -3.53 13.30 -19.58
C ASN A 174 -3.19 12.60 -20.89
N ARG A 175 -2.74 11.34 -20.80
CA ARG A 175 -2.45 10.52 -21.97
C ARG A 175 -1.46 11.20 -22.89
N PHE B 2 1.50 -21.13 -20.94
CA PHE B 2 2.34 -22.27 -21.26
C PHE B 2 1.66 -23.53 -20.73
N THR B 3 2.09 -24.68 -21.20
CA THR B 3 1.85 -25.89 -20.42
C THR B 3 2.50 -25.75 -19.04
N GLN B 4 3.72 -25.22 -18.98
CA GLN B 4 4.41 -25.05 -17.70
C GLN B 4 3.63 -24.14 -16.78
N LEU B 5 3.04 -23.09 -17.33
CA LEU B 5 2.28 -22.16 -16.53
C LEU B 5 1.06 -22.84 -15.94
N SER B 6 0.30 -23.56 -16.76
CA SER B 6 -0.91 -24.20 -16.27
C SER B 6 -0.58 -25.26 -15.24
N GLN B 7 0.49 -26.03 -15.48
CA GLN B 7 0.89 -27.06 -14.52
C GLN B 7 1.34 -26.45 -13.19
N SER B 8 2.09 -25.34 -13.24
CA SER B 8 2.47 -24.67 -12.00
C SER B 8 1.24 -24.19 -11.24
N ILE B 9 0.24 -23.68 -11.96
CA ILE B 9 -1.00 -23.26 -11.31
C ILE B 9 -1.68 -24.43 -10.62
N ALA B 10 -1.94 -25.52 -11.38
CA ALA B 10 -2.52 -26.74 -10.84
C ALA B 10 -1.79 -27.18 -9.57
N GLU B 11 -0.46 -27.16 -9.59
CA GLU B 11 0.33 -27.70 -8.48
C GLU B 11 0.37 -26.74 -7.30
N PHE B 12 0.46 -25.43 -7.53
CA PHE B 12 0.81 -24.50 -6.47
C PHE B 12 -0.22 -23.41 -6.23
N HIS B 13 -1.13 -23.13 -7.16
CA HIS B 13 -2.02 -22.00 -7.00
C HIS B 13 -3.49 -22.40 -7.00
N THR B 14 -3.79 -23.68 -6.79
CA THR B 14 -5.15 -24.17 -6.62
C THR B 14 -5.36 -24.62 -5.18
N TYR B 15 -6.57 -24.38 -4.66
CA TYR B 15 -6.86 -24.68 -3.27
C TYR B 15 -8.23 -25.34 -3.17
N GLN B 16 -8.42 -26.08 -2.08
CA GLN B 16 -9.75 -26.58 -1.71
C GLN B 16 -10.50 -25.52 -0.90
N LEU B 17 -11.82 -25.53 -1.05
CA LEU B 17 -12.67 -24.46 -0.52
C LEU B 17 -13.58 -24.99 0.58
N GLY B 18 -13.06 -25.09 1.80
CA GLY B 18 -13.89 -25.23 2.98
C GLY B 18 -14.10 -23.86 3.62
N ASN B 19 -15.33 -23.57 4.02
CA ASN B 19 -15.57 -22.22 4.52
C ASN B 19 -14.79 -21.98 5.81
N GLY B 20 -14.71 -20.71 6.19
CA GLY B 20 -13.69 -20.28 7.11
C GLY B 20 -12.30 -20.16 6.51
N ARG B 21 -12.14 -20.36 5.19
CA ARG B 21 -10.89 -20.17 4.46
C ARG B 21 -11.17 -19.51 3.13
N CYS B 22 -10.26 -18.67 2.66
CA CYS B 22 -10.39 -18.11 1.33
C CYS B 22 -9.02 -18.11 0.66
N SER B 23 -9.04 -17.94 -0.66
CA SER B 23 -7.83 -18.02 -1.46
C SER B 23 -7.95 -17.08 -2.63
N SER B 24 -6.80 -16.77 -3.21
CA SER B 24 -6.77 -15.82 -4.31
C SER B 24 -5.46 -15.98 -5.06
N LEU B 25 -5.52 -15.70 -6.37
CA LEU B 25 -4.35 -15.71 -7.25
C LEU B 25 -4.21 -14.37 -7.96
N LEU B 26 -3.00 -13.80 -7.95
CA LEU B 26 -2.71 -12.56 -8.65
C LEU B 26 -1.54 -12.78 -9.61
N ALA B 27 -1.60 -12.09 -10.77
CA ALA B 27 -0.57 -12.15 -11.81
C ALA B 27 0.03 -10.78 -12.07
N GLN B 28 1.36 -10.73 -12.26
CA GLN B 28 2.09 -9.51 -12.57
C GLN B 28 3.02 -9.75 -13.75
N ARG B 29 2.92 -8.91 -14.76
CA ARG B 29 3.76 -9.02 -15.95
C ARG B 29 4.92 -8.05 -15.82
N ILE B 30 6.13 -8.53 -16.09
CA ILE B 30 7.36 -7.79 -15.86
C ILE B 30 8.20 -7.82 -17.13
N HIS B 31 8.68 -6.65 -17.57
CA HIS B 31 9.49 -6.54 -18.79
C HIS B 31 10.97 -6.66 -18.41
N ALA B 32 11.33 -7.85 -17.97
CA ALA B 32 12.67 -8.15 -17.44
C ALA B 32 12.88 -9.66 -17.50
N PRO B 33 14.13 -10.12 -17.53
CA PRO B 33 14.36 -11.55 -17.69
C PRO B 33 13.96 -12.30 -16.45
N PRO B 34 13.47 -13.54 -16.59
CA PRO B 34 12.99 -14.30 -15.42
C PRO B 34 14.07 -14.61 -14.40
N GLU B 35 15.34 -14.72 -14.81
CA GLU B 35 16.39 -14.98 -13.83
C GLU B 35 16.62 -13.78 -12.93
N THR B 36 16.47 -12.58 -13.46
CA THR B 36 16.60 -11.39 -12.63
C THR B 36 15.48 -11.33 -11.57
N VAL B 37 14.24 -11.48 -12.01
CA VAL B 37 13.08 -11.50 -11.12
C VAL B 37 13.24 -12.59 -10.06
N TRP B 38 13.64 -13.79 -10.47
CA TRP B 38 13.83 -14.89 -9.52
C TRP B 38 14.94 -14.58 -8.53
N SER B 39 16.06 -14.03 -9.01
CA SER B 39 17.14 -13.63 -8.12
C SER B 39 16.63 -12.71 -7.02
N VAL B 40 15.60 -11.92 -7.31
CA VAL B 40 15.03 -11.07 -6.25
C VAL B 40 14.06 -11.86 -5.36
N VAL B 41 13.03 -12.49 -5.99
CA VAL B 41 11.97 -13.22 -5.29
C VAL B 41 12.52 -14.26 -4.32
N ARG B 42 13.64 -14.88 -4.65
CA ARG B 42 14.08 -16.00 -3.82
C ARG B 42 14.69 -15.57 -2.49
N ARG B 43 14.90 -14.28 -2.28
CA ARG B 43 15.64 -13.79 -1.12
C ARG B 43 14.70 -13.76 0.09
N PHE B 44 14.61 -14.89 0.79
CA PHE B 44 13.70 -15.01 1.93
C PHE B 44 14.11 -14.08 3.07
N ASP B 45 15.41 -13.86 3.24
CA ASP B 45 15.91 -13.04 4.33
C ASP B 45 15.73 -11.56 4.08
N ARG B 46 15.36 -11.15 2.88
CA ARG B 46 15.26 -9.73 2.55
C ARG B 46 13.98 -9.41 1.76
N PRO B 47 12.80 -9.65 2.36
CA PRO B 47 11.56 -9.20 1.68
C PRO B 47 11.41 -7.68 1.57
N GLN B 48 12.17 -6.86 2.33
CA GLN B 48 12.06 -5.39 2.22
C GLN B 48 12.39 -4.87 0.82
N ILE B 49 13.10 -5.65 0.01
CA ILE B 49 13.48 -5.25 -1.34
C ILE B 49 12.25 -4.86 -2.16
N TYR B 50 11.20 -5.69 -2.14
CA TYR B 50 10.08 -5.40 -3.02
C TYR B 50 8.73 -5.38 -2.34
N LYS B 51 8.64 -5.75 -1.08
CA LYS B 51 7.37 -5.72 -0.36
C LYS B 51 7.22 -4.42 0.41
N HIS B 52 6.01 -3.88 0.43
CA HIS B 52 5.63 -2.75 1.25
C HIS B 52 5.31 -3.18 2.67
N PHE B 53 5.27 -2.19 3.59
CA PHE B 53 4.81 -2.35 4.97
C PHE B 53 5.76 -3.16 5.84
N ILE B 54 7.01 -3.30 5.46
CA ILE B 54 8.01 -3.96 6.28
C ILE B 54 8.90 -2.89 6.91
N LYS B 55 8.71 -2.66 8.22
CA LYS B 55 9.65 -1.81 8.96
C LYS B 55 11.05 -2.43 9.00
N SER B 56 11.14 -3.72 9.30
CA SER B 56 12.43 -4.40 9.35
C SER B 56 12.17 -5.90 9.19
N CYS B 57 13.26 -6.63 8.97
CA CYS B 57 13.20 -8.08 8.84
C CYS B 57 14.54 -8.63 9.29
N ASN B 58 14.52 -9.51 10.28
CA ASN B 58 15.74 -10.02 10.86
C ASN B 58 15.72 -11.54 10.85
N VAL B 59 16.91 -12.13 10.73
CA VAL B 59 17.08 -13.58 10.69
C VAL B 59 18.21 -13.92 11.64
N SER B 60 18.31 -15.20 11.98
CA SER B 60 19.34 -15.64 12.91
C SER B 60 20.73 -15.32 12.36
N GLU B 61 21.70 -15.18 13.27
CA GLU B 61 23.05 -14.88 12.81
C GLU B 61 23.65 -16.06 12.07
N ASP B 62 23.25 -17.28 12.42
CA ASP B 62 23.63 -18.50 11.71
C ASP B 62 22.64 -18.87 10.62
N PHE B 63 22.00 -17.90 10.01
CA PHE B 63 20.92 -18.16 9.06
C PHE B 63 21.45 -18.87 7.81
N GLU B 64 20.74 -19.91 7.40
CA GLU B 64 20.94 -20.52 6.09
C GLU B 64 19.57 -20.78 5.49
N MET B 65 19.42 -20.44 4.22
CA MET B 65 18.11 -20.38 3.58
C MET B 65 17.85 -21.68 2.82
N ARG B 66 17.17 -22.61 3.49
CA ARG B 66 16.44 -23.69 2.85
C ARG B 66 15.14 -23.89 3.63
N VAL B 67 14.36 -24.88 3.25
CA VAL B 67 13.02 -25.03 3.79
C VAL B 67 13.07 -25.16 5.31
N GLY B 68 12.18 -24.45 6.00
CA GLY B 68 12.09 -24.50 7.44
C GLY B 68 12.77 -23.35 8.18
N CYS B 69 13.54 -22.51 7.50
CA CYS B 69 14.15 -21.40 8.20
C CYS B 69 13.11 -20.31 8.43
N THR B 70 13.42 -19.41 9.35
CA THR B 70 12.46 -18.40 9.77
C THR B 70 13.04 -17.00 9.57
N ARG B 71 12.12 -16.05 9.41
CA ARG B 71 12.42 -14.63 9.43
C ARG B 71 11.45 -13.94 10.38
N ASP B 72 11.93 -12.89 11.05
CA ASP B 72 11.12 -12.06 11.93
C ASP B 72 10.90 -10.72 11.26
N VAL B 73 9.65 -10.41 10.97
CA VAL B 73 9.28 -9.20 10.25
C VAL B 73 8.46 -8.33 11.19
N ASN B 74 8.85 -7.07 11.30
CA ASN B 74 8.04 -6.07 11.96
C ASN B 74 7.23 -5.36 10.90
N VAL B 75 5.94 -5.45 11.01
CA VAL B 75 5.03 -4.92 10.01
C VAL B 75 4.64 -3.49 10.36
N ILE B 76 4.51 -2.67 9.33
CA ILE B 76 4.01 -1.30 9.46
C ILE B 76 2.49 -1.40 9.35
N SER B 77 1.83 -1.54 10.50
CA SER B 77 0.38 -1.67 10.54
C SER B 77 -0.35 -0.47 11.13
N GLY B 78 0.35 0.45 11.81
CA GLY B 78 -0.33 1.48 12.55
C GLY B 78 -0.70 1.07 13.96
N LEU B 79 -0.63 -0.22 14.26
CA LEU B 79 -0.86 -0.77 15.59
C LEU B 79 0.46 -0.83 16.32
N PRO B 80 0.45 -1.08 17.63
CA PRO B 80 1.72 -1.07 18.37
C PRO B 80 2.66 -2.12 17.79
N ALA B 81 3.96 -1.80 17.84
CA ALA B 81 4.95 -2.61 17.15
C ALA B 81 4.97 -4.03 17.68
N ASN B 82 4.85 -5.00 16.77
CA ASN B 82 4.88 -6.40 17.16
C ASN B 82 5.56 -7.25 16.10
N THR B 83 6.50 -8.08 16.53
CA THR B 83 7.28 -8.91 15.63
C THR B 83 6.49 -10.16 15.22
N SER B 84 6.49 -10.45 13.92
CA SER B 84 5.83 -11.60 13.37
C SER B 84 6.86 -12.61 12.84
N ARG B 85 6.52 -13.89 12.95
CA ARG B 85 7.40 -14.96 12.52
C ARG B 85 6.83 -15.58 11.25
N GLU B 86 7.65 -15.64 10.20
CA GLU B 86 7.32 -16.24 8.91
C GLU B 86 8.32 -17.35 8.60
N ARG B 87 7.84 -18.43 7.98
CA ARG B 87 8.62 -19.65 7.80
C ARG B 87 8.70 -20.05 6.34
N LEU B 88 9.90 -20.39 5.87
CA LEU B 88 10.09 -20.78 4.47
C LEU B 88 9.52 -22.17 4.24
N ASP B 89 8.40 -22.24 3.51
CA ASP B 89 7.72 -23.52 3.29
C ASP B 89 8.34 -24.27 2.13
N LEU B 90 8.71 -23.56 1.06
CA LEU B 90 9.24 -24.25 -0.10
C LEU B 90 10.17 -23.34 -0.89
N LEU B 91 11.17 -23.95 -1.52
CA LEU B 91 12.12 -23.21 -2.36
C LEU B 91 12.75 -24.17 -3.36
N ASP B 92 12.52 -23.91 -4.65
CA ASP B 92 13.12 -24.65 -5.76
C ASP B 92 13.68 -23.65 -6.76
N ASP B 93 15.00 -23.57 -6.84
CA ASP B 93 15.63 -22.67 -7.81
C ASP B 93 15.46 -23.17 -9.23
N ASP B 94 15.40 -24.49 -9.44
CA ASP B 94 15.22 -25.01 -10.79
C ASP B 94 13.83 -24.69 -11.32
N ARG B 95 12.80 -24.97 -10.51
CA ARG B 95 11.42 -24.67 -10.87
C ARG B 95 10.99 -23.24 -10.57
N ARG B 96 11.84 -22.43 -9.93
CA ARG B 96 11.55 -21.01 -9.67
C ARG B 96 10.28 -20.86 -8.86
N VAL B 97 10.21 -21.58 -7.76
CA VAL B 97 9.03 -21.55 -6.93
C VAL B 97 9.49 -21.31 -5.50
N THR B 98 8.81 -20.42 -4.80
CA THR B 98 9.09 -20.21 -3.39
C THR B 98 7.77 -20.02 -2.66
N GLY B 99 7.81 -20.20 -1.36
CA GLY B 99 6.59 -20.07 -0.61
C GLY B 99 6.82 -20.00 0.88
N PHE B 100 5.93 -19.28 1.58
CA PHE B 100 6.08 -19.12 3.02
C PHE B 100 4.73 -19.12 3.72
N SER B 101 4.79 -19.25 5.05
CA SER B 101 3.66 -19.23 5.96
C SER B 101 3.89 -18.21 7.07
N ILE B 102 2.85 -17.51 7.47
CA ILE B 102 2.91 -16.65 8.66
C ILE B 102 2.56 -17.52 9.86
N THR B 103 3.56 -17.83 10.68
CA THR B 103 3.36 -18.72 11.81
C THR B 103 3.06 -17.99 13.11
N GLY B 104 3.55 -16.77 13.28
CA GLY B 104 3.31 -16.05 14.52
C GLY B 104 3.13 -14.57 14.28
N GLY B 105 2.35 -13.94 15.15
CA GLY B 105 2.15 -12.51 15.09
C GLY B 105 0.74 -12.07 15.43
N GLU B 106 0.57 -11.39 16.56
CA GLU B 106 -0.74 -10.90 16.96
C GLU B 106 -1.23 -9.82 16.01
N HIS B 107 -2.54 -9.68 15.94
CA HIS B 107 -3.22 -8.82 14.96
C HIS B 107 -2.67 -8.99 13.53
N ARG B 108 -2.21 -10.19 13.21
CA ARG B 108 -1.92 -10.54 11.82
C ARG B 108 -2.97 -11.53 11.31
N LEU B 109 -2.91 -11.80 10.00
CA LEU B 109 -3.75 -12.81 9.38
C LEU B 109 -3.42 -14.19 9.94
N ARG B 110 -4.44 -15.02 10.08
CA ARG B 110 -4.29 -16.32 10.68
C ARG B 110 -4.11 -17.39 9.60
N ASN B 111 -3.11 -18.25 9.78
CA ASN B 111 -2.84 -19.34 8.85
C ASN B 111 -2.70 -18.83 7.41
N TYR B 112 -1.99 -17.74 7.24
CA TYR B 112 -1.72 -17.24 5.90
C TYR B 112 -0.61 -18.07 5.27
N LYS B 113 -0.86 -18.58 4.08
CA LYS B 113 0.10 -19.37 3.32
C LYS B 113 0.16 -18.81 1.91
N SER B 114 1.37 -18.66 1.39
CA SER B 114 1.59 -17.97 0.12
C SER B 114 2.59 -18.75 -0.74
N VAL B 115 2.37 -18.70 -2.05
CA VAL B 115 3.28 -19.33 -3.03
C VAL B 115 3.50 -18.38 -4.20
N THR B 116 4.76 -18.27 -4.64
CA THR B 116 5.13 -17.43 -5.77
C THR B 116 5.93 -18.24 -6.79
N THR B 117 5.46 -18.20 -8.04
CA THR B 117 6.13 -18.82 -9.17
C THR B 117 6.49 -17.74 -10.19
N VAL B 118 7.59 -17.93 -10.89
CA VAL B 118 8.03 -16.96 -11.90
C VAL B 118 8.27 -17.70 -13.21
N HIS B 119 7.72 -17.16 -14.30
CA HIS B 119 7.59 -17.87 -15.56
C HIS B 119 8.13 -17.04 -16.71
N ARG B 120 8.87 -17.71 -17.59
CA ARG B 120 9.40 -17.15 -18.82
C ARG B 120 8.28 -16.92 -19.83
N PHE B 121 8.44 -15.88 -20.66
CA PHE B 121 7.46 -15.71 -21.72
C PHE B 121 8.00 -14.90 -22.88
N GLU B 122 7.66 -15.38 -24.09
CA GLU B 122 7.93 -14.75 -25.37
C GLU B 122 6.76 -15.07 -26.30
N LYS B 123 6.79 -14.49 -27.49
CA LYS B 123 5.77 -14.74 -28.51
C LYS B 123 6.23 -14.23 -29.88
N ARG B 129 13.53 -9.79 -27.02
CA ARG B 129 13.58 -9.41 -25.61
C ARG B 129 12.58 -10.21 -24.76
N ILE B 130 13.05 -10.67 -23.59
CA ILE B 130 12.37 -11.69 -22.79
C ILE B 130 11.50 -11.03 -21.73
N TRP B 131 10.28 -11.57 -21.52
CA TRP B 131 9.42 -11.01 -20.49
C TRP B 131 9.04 -12.10 -19.49
N THR B 132 8.40 -11.68 -18.40
CA THR B 132 8.21 -12.53 -17.24
C THR B 132 6.80 -12.36 -16.70
N VAL B 133 6.21 -13.46 -16.23
CA VAL B 133 4.96 -13.41 -15.48
C VAL B 133 5.24 -13.96 -14.09
N VAL B 134 4.84 -13.21 -13.07
CA VAL B 134 4.91 -13.68 -11.70
C VAL B 134 3.49 -14.00 -11.25
N LEU B 135 3.31 -15.23 -10.78
CA LEU B 135 2.07 -15.68 -10.15
C LEU B 135 2.28 -15.77 -8.65
N GLU B 136 1.37 -15.18 -7.89
CA GLU B 136 1.39 -15.25 -6.44
C GLU B 136 -0.01 -15.61 -5.96
N SER B 137 -0.11 -16.63 -5.10
CA SER B 137 -1.40 -17.00 -4.54
C SER B 137 -1.28 -17.18 -3.03
N TYR B 138 -2.43 -17.12 -2.38
CA TYR B 138 -2.47 -17.36 -0.95
C TYR B 138 -3.72 -18.09 -0.59
N VAL B 139 -3.64 -18.82 0.52
CA VAL B 139 -4.82 -19.26 1.27
C VAL B 139 -4.73 -18.66 2.68
N VAL B 140 -5.87 -18.30 3.26
CA VAL B 140 -5.87 -17.63 4.56
C VAL B 140 -7.19 -17.89 5.27
N ASP B 141 -7.16 -17.88 6.61
CA ASP B 141 -8.37 -18.06 7.42
C ASP B 141 -9.33 -16.88 7.27
N VAL B 142 -10.62 -17.17 7.38
CA VAL B 142 -11.62 -16.13 7.61
C VAL B 142 -12.43 -16.59 8.82
N PRO B 143 -12.12 -16.11 10.03
CA PRO B 143 -12.88 -16.54 11.22
C PRO B 143 -14.36 -16.16 11.09
N GLU B 144 -15.21 -16.99 11.71
CA GLU B 144 -16.67 -16.88 11.62
C GLU B 144 -17.21 -15.46 11.84
N GLY B 145 -16.52 -14.62 12.58
CA GLY B 145 -16.93 -13.23 12.63
C GLY B 145 -16.44 -12.31 11.52
N ASN B 146 -15.47 -12.71 10.71
CA ASN B 146 -14.87 -11.82 9.73
C ASN B 146 -15.52 -11.96 8.35
N SER B 147 -15.17 -11.03 7.46
CA SER B 147 -15.76 -10.92 6.13
C SER B 147 -14.75 -11.44 5.10
N GLU B 148 -15.20 -12.38 4.26
CA GLU B 148 -14.31 -12.93 3.24
C GLU B 148 -14.02 -11.89 2.17
N GLU B 149 -15.05 -11.16 1.77
CA GLU B 149 -14.91 -10.04 0.84
C GLU B 149 -13.82 -9.08 1.28
N ASP B 150 -13.89 -8.62 2.53
CA ASP B 150 -12.91 -7.68 3.01
C ASP B 150 -11.53 -8.32 3.07
N THR B 151 -11.49 -9.59 3.46
CA THR B 151 -10.19 -10.24 3.62
C THR B 151 -9.46 -10.31 2.29
N ARG B 152 -10.19 -10.69 1.23
CA ARG B 152 -9.59 -10.75 -0.10
C ARG B 152 -9.23 -9.35 -0.61
N LEU B 153 -10.06 -8.34 -0.31
CA LEU B 153 -9.71 -6.97 -0.73
C LEU B 153 -8.38 -6.54 -0.13
N PHE B 154 -8.25 -6.73 1.17
CA PHE B 154 -7.01 -6.43 1.89
C PHE B 154 -5.81 -7.18 1.29
N ALA B 155 -5.88 -8.51 1.26
CA ALA B 155 -4.73 -9.29 0.78
C ALA B 155 -4.41 -8.98 -0.68
N ASP B 156 -5.41 -8.93 -1.56
CA ASP B 156 -5.14 -8.68 -2.96
C ASP B 156 -4.50 -7.30 -3.17
N THR B 157 -4.96 -6.28 -2.45
CA THR B 157 -4.33 -4.96 -2.58
C THR B 157 -2.87 -5.02 -2.19
N VAL B 158 -2.57 -5.64 -1.04
CA VAL B 158 -1.16 -5.73 -0.63
C VAL B 158 -0.34 -6.45 -1.70
N ILE B 159 -0.80 -7.63 -2.15
CA ILE B 159 0.01 -8.41 -3.08
C ILE B 159 0.17 -7.66 -4.40
N ARG B 160 -0.88 -6.99 -4.89
CA ARG B 160 -0.75 -6.27 -6.14
C ARG B 160 0.25 -5.14 -6.02
N LEU B 161 0.27 -4.45 -4.87
CA LEU B 161 1.25 -3.40 -4.70
C LEU B 161 2.67 -3.98 -4.65
N ASN B 162 2.85 -5.09 -3.91
CA ASN B 162 4.18 -5.70 -3.83
C ASN B 162 4.65 -6.16 -5.20
N LEU B 163 3.74 -6.71 -6.01
CA LEU B 163 4.12 -7.19 -7.33
C LEU B 163 4.49 -6.03 -8.25
N GLN B 164 3.77 -4.90 -8.15
CA GLN B 164 4.15 -3.69 -8.90
C GLN B 164 5.54 -3.21 -8.51
N LYS B 165 5.83 -3.15 -7.21
CA LYS B 165 7.18 -2.76 -6.78
C LYS B 165 8.23 -3.73 -7.28
N LEU B 166 7.96 -5.04 -7.22
CA LEU B 166 8.89 -6.03 -7.74
C LEU B 166 9.14 -5.83 -9.22
N ALA B 167 8.08 -5.54 -9.97
CA ALA B 167 8.23 -5.25 -11.39
C ALA B 167 9.13 -4.04 -11.61
N SER B 168 8.80 -2.94 -10.92
CA SER B 168 9.58 -1.71 -11.05
C SER B 168 11.05 -1.95 -10.73
N ILE B 169 11.32 -2.65 -9.64
CA ILE B 169 12.70 -2.85 -9.20
C ILE B 169 13.46 -3.74 -10.17
N THR B 170 12.85 -4.85 -10.60
CA THR B 170 13.58 -5.73 -11.50
C THR B 170 13.70 -5.14 -12.89
N GLU B 171 12.81 -4.22 -13.28
CA GLU B 171 12.97 -3.57 -14.57
C GLU B 171 14.02 -2.48 -14.50
N ALA B 172 14.22 -1.88 -13.32
CA ALA B 172 15.30 -0.92 -13.14
C ALA B 172 16.67 -1.58 -13.25
N MET B 173 16.77 -2.85 -12.88
CA MET B 173 18.06 -3.54 -12.93
C MET B 173 18.47 -3.73 -14.40
N ASN B 174 19.64 -3.18 -14.76
CA ASN B 174 20.21 -3.27 -16.09
C ASN B 174 19.31 -2.69 -17.18
N ARG B 175 18.15 -2.17 -16.79
CA ARG B 175 17.16 -1.59 -17.71
C ARG B 175 16.86 -2.51 -18.90
C4 H9X C . -0.92 -9.42 6.18
C5 H9X C . -0.23 -10.52 5.67
C6 H9X C . -0.27 -10.83 4.31
C11 H9X C . -1.15 -4.46 7.99
C7 H9X C . -0.06 -6.58 7.62
C8 H9X C . 0.39 -6.12 6.38
C9 H9X C . 0.08 -4.81 5.97
C10 H9X C . -0.70 -3.98 6.78
C12 H9X C . -0.85 -5.75 8.40
N1 H9X C . 0.17 -7.85 8.06
N2 H9X C . -1.34 -6.10 9.65
C3 H9X C . -1.66 -8.66 5.28
N3 H9X C . 1.19 -6.92 5.55
C1 H9X C . -1.02 -10.06 3.42
C2 H9X C . -1.72 -8.97 3.92
O1 H9X C . -2.49 -8.44 7.82
O2 H9X C . -0.81 -10.22 8.76
O3 H9X C . -0.53 -6.77 10.56
O4 H9X C . -2.64 -5.74 9.97
O5 H9X C . 1.83 -8.06 6.04
O6 H9X C . 1.40 -6.56 4.23
S1 H9X C . -0.97 -8.97 7.72
BR1 H9X C . -1.08 -10.47 1.56
BR2 H9X C . -1.19 -2.21 6.31
#